data_5KWO
#
_entry.id   5KWO
#
_entity_poly.entity_id   1
_entity_poly.type   'polypeptide(L)'
_entity_poly.pdbx_seq_one_letter_code
;CQTWR(DAR)VSPEECRKYKEEY(DSG)CVRCTE
;
_entity_poly.pdbx_strand_id   A
#
# COMPACT_ATOMS: atom_id res chain seq x y z
N CYS A 1 7.17 4.25 8.00
CA CYS A 1 6.35 4.07 6.83
C CYS A 1 6.98 3.05 5.91
N GLN A 2 6.15 2.20 5.31
CA GLN A 2 6.62 1.17 4.38
C GLN A 2 6.46 1.68 2.97
N THR A 3 6.97 0.99 2.01
CA THR A 3 6.86 1.39 0.62
C THR A 3 6.58 0.18 -0.27
N TRP A 4 5.52 0.26 -1.04
CA TRP A 4 5.12 -0.83 -1.91
C TRP A 4 5.11 -0.30 -3.30
N ARG A 5 5.70 -1.01 -4.21
CA ARG A 5 5.79 -0.56 -5.58
C ARG A 5 5.39 -1.65 -6.52
N VAL A 7 2.49 -2.78 -7.14
CA VAL A 7 1.41 -3.61 -6.64
C VAL A 7 0.10 -3.07 -7.18
N SER A 8 -0.92 -3.88 -7.12
CA SER A 8 -2.21 -3.48 -7.59
C SER A 8 -2.93 -2.64 -6.52
N PRO A 9 -3.79 -1.69 -6.95
CA PRO A 9 -4.50 -0.77 -6.04
C PRO A 9 -5.16 -1.44 -4.83
N GLU A 10 -6.00 -2.47 -5.03
CA GLU A 10 -6.66 -3.12 -3.89
C GLU A 10 -5.66 -3.80 -2.95
N GLU A 11 -4.65 -4.43 -3.51
CA GLU A 11 -3.54 -5.04 -2.74
C GLU A 11 -2.93 -3.94 -1.86
N CYS A 12 -2.67 -2.83 -2.51
CA CYS A 12 -2.13 -1.66 -1.89
C CYS A 12 -3.06 -1.14 -0.79
N ARG A 13 -4.37 -1.14 -1.06
CA ARG A 13 -5.39 -0.71 -0.09
C ARG A 13 -5.33 -1.55 1.17
N LYS A 14 -5.15 -2.84 0.98
CA LYS A 14 -5.04 -3.77 2.10
C LYS A 14 -3.80 -3.44 2.91
N TYR A 15 -2.72 -3.12 2.20
CA TYR A 15 -1.47 -2.71 2.86
C TYR A 15 -1.69 -1.42 3.63
N LYS A 16 -2.46 -0.49 3.07
CA LYS A 16 -2.75 0.78 3.73
C LYS A 16 -3.44 0.52 5.04
N GLU A 17 -4.54 -0.17 4.97
CA GLU A 17 -5.36 -0.42 6.14
C GLU A 17 -4.61 -1.19 7.23
N GLU A 18 -3.80 -2.13 6.80
CA GLU A 18 -3.07 -2.96 7.74
C GLU A 18 -1.80 -2.29 8.31
N TYR A 19 -1.11 -1.49 7.52
CA TYR A 19 0.16 -0.93 7.99
C TYR A 19 0.10 0.58 8.31
N CYS A 21 0.82 4.08 7.47
CA CYS A 21 1.62 4.91 6.60
C CYS A 21 2.47 4.07 5.66
N VAL A 22 2.05 3.97 4.42
CA VAL A 22 2.79 3.23 3.42
C VAL A 22 2.81 4.00 2.10
N ARG A 23 3.97 4.10 1.52
CA ARG A 23 4.14 4.79 0.25
C ARG A 23 3.82 3.84 -0.87
N CYS A 24 2.75 4.10 -1.56
CA CYS A 24 2.28 3.22 -2.58
C CYS A 24 1.54 3.99 -3.68
N THR A 25 1.63 3.54 -4.90
CA THR A 25 0.97 4.18 -6.01
C THR A 25 -0.18 3.31 -6.52
N GLU A 26 -1.33 3.92 -6.69
CA GLU A 26 -2.51 3.23 -7.16
C GLU A 26 -2.43 3.14 -8.69
N CYS A 1 7.17 2.96 7.75
CA CYS A 1 6.53 3.41 6.53
C CYS A 1 7.18 2.74 5.34
N GLN A 2 6.55 1.69 4.84
CA GLN A 2 7.08 0.94 3.71
C GLN A 2 6.61 1.58 2.42
N THR A 3 7.28 1.30 1.34
CA THR A 3 6.91 1.84 0.05
C THR A 3 6.65 0.68 -0.92
N TRP A 4 5.40 0.57 -1.32
CA TRP A 4 4.95 -0.49 -2.19
C TRP A 4 4.86 0.05 -3.60
N ARG A 5 5.72 -0.43 -4.47
CA ARG A 5 5.77 0.05 -5.84
C ARG A 5 5.29 -1.01 -6.78
N VAL A 7 2.33 -2.53 -7.05
CA VAL A 7 1.60 -3.57 -6.42
C VAL A 7 0.16 -3.48 -6.90
N SER A 8 -0.57 -4.55 -6.75
CA SER A 8 -1.95 -4.63 -7.18
C SER A 8 -2.81 -3.61 -6.39
N PRO A 9 -3.74 -2.90 -7.06
CA PRO A 9 -4.62 -1.89 -6.44
C PRO A 9 -5.31 -2.37 -5.14
N GLU A 10 -5.92 -3.55 -5.17
CA GLU A 10 -6.61 -4.06 -4.00
C GLU A 10 -5.60 -4.32 -2.88
N GLU A 11 -4.49 -4.96 -3.25
CA GLU A 11 -3.35 -5.17 -2.35
C GLU A 11 -2.92 -3.83 -1.74
N CYS A 12 -2.81 -2.84 -2.60
CA CYS A 12 -2.39 -1.50 -2.24
C CYS A 12 -3.27 -0.94 -1.13
N ARG A 13 -4.60 -1.06 -1.29
CA ARG A 13 -5.49 -0.60 -0.24
C ARG A 13 -5.27 -1.41 1.03
N LYS A 14 -5.11 -2.72 0.89
CA LYS A 14 -4.88 -3.60 2.03
C LYS A 14 -3.64 -3.15 2.81
N TYR A 15 -2.62 -2.76 2.10
CA TYR A 15 -1.39 -2.29 2.72
C TYR A 15 -1.64 -0.98 3.46
N LYS A 16 -2.31 -0.04 2.79
CA LYS A 16 -2.59 1.29 3.37
C LYS A 16 -3.49 1.18 4.59
N GLU A 17 -4.49 0.35 4.49
CA GLU A 17 -5.49 0.23 5.51
C GLU A 17 -5.01 -0.61 6.71
N GLU A 18 -4.15 -1.58 6.46
CA GLU A 18 -3.65 -2.42 7.54
C GLU A 18 -2.42 -1.79 8.23
N TYR A 19 -1.40 -1.45 7.47
CA TYR A 19 -0.13 -0.99 8.06
C TYR A 19 -0.22 0.43 8.58
N CYS A 21 0.99 3.97 7.88
CA CYS A 21 1.90 4.80 7.11
C CYS A 21 2.66 3.97 6.11
N VAL A 22 2.17 3.92 4.91
CA VAL A 22 2.84 3.24 3.83
C VAL A 22 2.66 4.00 2.56
N ARG A 23 3.68 4.04 1.77
CA ARG A 23 3.62 4.65 0.49
C ARG A 23 3.24 3.57 -0.46
N CYS A 24 2.36 3.83 -1.33
CA CYS A 24 1.91 2.83 -2.24
C CYS A 24 1.54 3.47 -3.53
N THR A 25 2.01 2.91 -4.61
CA THR A 25 1.76 3.44 -5.91
C THR A 25 0.33 3.14 -6.37
N GLU A 26 -0.56 4.04 -6.03
CA GLU A 26 -1.98 4.03 -6.38
C GLU A 26 -2.61 5.16 -5.58
N CYS A 1 7.98 4.83 6.27
CA CYS A 1 6.81 4.04 5.93
C CYS A 1 7.13 3.20 4.70
N GLN A 2 6.57 1.99 4.61
CA GLN A 2 6.84 1.15 3.44
C GLN A 2 6.24 1.76 2.19
N THR A 3 7.01 1.75 1.16
CA THR A 3 6.59 2.27 -0.10
C THR A 3 6.38 1.08 -1.05
N TRP A 4 5.15 0.84 -1.38
CA TRP A 4 4.77 -0.30 -2.17
C TRP A 4 4.74 0.05 -3.64
N ARG A 5 5.58 -0.56 -4.40
CA ARG A 5 5.64 -0.31 -5.81
C ARG A 5 5.11 -1.50 -6.59
N VAL A 7 2.07 -2.44 -6.98
CA VAL A 7 1.03 -3.15 -6.27
C VAL A 7 -0.34 -2.81 -6.82
N SER A 8 -1.19 -3.80 -6.84
CA SER A 8 -2.56 -3.65 -7.26
C SER A 8 -3.30 -2.76 -6.26
N PRO A 9 -4.32 -1.98 -6.70
CA PRO A 9 -5.08 -1.07 -5.82
C PRO A 9 -5.69 -1.81 -4.61
N GLU A 10 -6.12 -3.05 -4.84
CA GLU A 10 -6.71 -3.85 -3.78
C GLU A 10 -5.67 -4.20 -2.72
N GLU A 11 -4.52 -4.73 -3.16
CA GLU A 11 -3.43 -5.05 -2.26
C GLU A 11 -2.93 -3.79 -1.57
N CYS A 12 -2.86 -2.69 -2.30
CA CYS A 12 -2.46 -1.41 -1.73
C CYS A 12 -3.39 -1.01 -0.58
N ARG A 13 -4.71 -1.01 -0.84
CA ARG A 13 -5.72 -0.67 0.16
C ARG A 13 -5.56 -1.58 1.39
N LYS A 14 -5.30 -2.83 1.12
CA LYS A 14 -5.06 -3.87 2.10
C LYS A 14 -3.87 -3.51 3.00
N TYR A 15 -2.72 -3.24 2.38
CA TYR A 15 -1.50 -2.93 3.12
C TYR A 15 -1.67 -1.63 3.91
N LYS A 16 -2.37 -0.68 3.30
CA LYS A 16 -2.63 0.60 3.95
C LYS A 16 -3.46 0.43 5.20
N GLU A 17 -4.52 -0.36 5.10
CA GLU A 17 -5.41 -0.61 6.24
C GLU A 17 -4.72 -1.48 7.30
N GLU A 18 -3.81 -2.33 6.85
CA GLU A 18 -3.08 -3.21 7.72
C GLU A 18 -2.02 -2.45 8.54
N TYR A 19 -1.18 -1.71 7.85
CA TYR A 19 -0.07 -1.05 8.51
C TYR A 19 -0.40 0.34 9.02
N CYS A 21 0.60 3.92 7.94
CA CYS A 21 1.38 4.74 7.06
C CYS A 21 2.21 3.89 6.16
N VAL A 22 1.73 3.70 4.97
CA VAL A 22 2.41 3.04 3.88
C VAL A 22 1.94 3.69 2.60
N ARG A 23 2.83 3.94 1.71
CA ARG A 23 2.51 4.62 0.50
C ARG A 23 2.70 3.70 -0.67
N CYS A 24 1.81 3.74 -1.61
CA CYS A 24 1.96 2.93 -2.78
C CYS A 24 2.35 3.83 -3.93
N THR A 25 3.02 3.30 -4.89
CA THR A 25 3.35 4.03 -6.06
C THR A 25 2.52 3.49 -7.22
N GLU A 26 1.36 4.07 -7.38
CA GLU A 26 0.44 3.68 -8.39
C GLU A 26 0.68 4.56 -9.60
N CYS A 1 7.14 5.07 6.27
CA CYS A 1 6.11 4.28 5.59
C CYS A 1 6.73 3.38 4.52
N GLN A 2 6.43 2.07 4.56
CA GLN A 2 6.90 1.16 3.51
C GLN A 2 6.32 1.58 2.17
N THR A 3 7.17 1.81 1.22
CA THR A 3 6.73 2.24 -0.08
C THR A 3 6.59 1.03 -1.01
N TRP A 4 5.45 0.90 -1.62
CA TRP A 4 5.16 -0.20 -2.49
C TRP A 4 4.98 0.32 -3.90
N ARG A 5 5.86 -0.03 -4.79
CA ARG A 5 5.72 0.37 -6.17
C ARG A 5 5.15 -0.78 -6.97
N VAL A 7 1.92 -2.32 -6.94
CA VAL A 7 1.10 -3.29 -6.29
C VAL A 7 -0.30 -3.09 -6.85
N SER A 8 -1.16 -4.05 -6.71
CA SER A 8 -2.49 -3.88 -7.23
C SER A 8 -3.34 -3.03 -6.26
N PRO A 9 -4.42 -2.39 -6.77
CA PRO A 9 -5.26 -1.46 -5.97
C PRO A 9 -5.70 -2.04 -4.62
N GLU A 10 -6.14 -3.29 -4.63
CA GLU A 10 -6.63 -3.90 -3.41
C GLU A 10 -5.52 -4.24 -2.45
N GLU A 11 -4.34 -4.54 -2.96
CA GLU A 11 -3.20 -4.78 -2.09
C GLU A 11 -2.84 -3.48 -1.41
N CYS A 12 -2.82 -2.42 -2.20
CA CYS A 12 -2.58 -1.07 -1.71
C CYS A 12 -3.57 -0.73 -0.61
N ARG A 13 -4.87 -0.98 -0.86
CA ARG A 13 -5.91 -0.75 0.12
C ARG A 13 -5.60 -1.49 1.42
N LYS A 14 -5.34 -2.78 1.30
CA LYS A 14 -5.08 -3.61 2.44
C LYS A 14 -3.86 -3.17 3.20
N TYR A 15 -2.82 -2.74 2.50
CA TYR A 15 -1.63 -2.25 3.15
C TYR A 15 -1.93 -0.95 3.91
N LYS A 16 -2.70 -0.07 3.26
CA LYS A 16 -3.05 1.24 3.83
C LYS A 16 -4.05 1.12 4.97
N GLU A 17 -4.73 0.00 5.05
CA GLU A 17 -5.63 -0.22 6.16
C GLU A 17 -5.03 -1.10 7.25
N GLU A 18 -4.16 -2.03 6.85
CA GLU A 18 -3.57 -2.97 7.79
C GLU A 18 -2.30 -2.41 8.43
N TYR A 19 -1.30 -2.09 7.61
CA TYR A 19 -0.01 -1.67 8.15
C TYR A 19 -0.06 -0.24 8.62
N CYS A 21 1.03 3.04 8.05
CA CYS A 21 2.03 3.88 7.43
C CYS A 21 2.73 3.16 6.28
N VAL A 22 2.17 3.28 5.11
CA VAL A 22 2.72 2.74 3.90
C VAL A 22 2.49 3.74 2.77
N ARG A 23 3.23 3.62 1.73
CA ARG A 23 3.07 4.49 0.59
C ARG A 23 2.79 3.67 -0.63
N CYS A 24 1.76 3.99 -1.33
CA CYS A 24 1.44 3.30 -2.55
C CYS A 24 1.95 4.10 -3.71
N THR A 25 2.58 3.43 -4.61
CA THR A 25 3.01 4.04 -5.81
C THR A 25 2.70 3.07 -6.96
N GLU A 26 1.52 3.22 -7.49
CA GLU A 26 1.04 2.37 -8.53
C GLU A 26 1.34 2.98 -9.88
N CYS A 1 7.81 4.76 6.63
CA CYS A 1 6.61 4.18 6.07
C CYS A 1 6.96 3.42 4.81
N GLN A 2 6.50 2.19 4.71
CA GLN A 2 6.82 1.32 3.58
C GLN A 2 6.34 1.88 2.26
N THR A 3 7.17 1.77 1.27
CA THR A 3 6.83 2.16 -0.06
C THR A 3 6.51 0.89 -0.86
N TRP A 4 5.45 0.91 -1.62
CA TRP A 4 5.03 -0.25 -2.38
C TRP A 4 4.98 0.06 -3.87
N ARG A 5 5.89 -0.51 -4.61
CA ARG A 5 5.88 -0.35 -6.06
C ARG A 5 5.19 -1.53 -6.72
N VAL A 7 2.13 -2.51 -6.89
CA VAL A 7 1.13 -3.24 -6.14
C VAL A 7 -0.25 -3.00 -6.70
N SER A 8 -1.06 -4.03 -6.66
CA SER A 8 -2.41 -3.97 -7.14
C SER A 8 -3.26 -3.10 -6.22
N PRO A 9 -4.26 -2.36 -6.76
CA PRO A 9 -5.15 -1.47 -6.00
C PRO A 9 -5.67 -2.10 -4.70
N GLU A 10 -6.20 -3.32 -4.79
CA GLU A 10 -6.74 -4.03 -3.64
C GLU A 10 -5.66 -4.25 -2.58
N GLU A 11 -4.53 -4.84 -2.99
CA GLU A 11 -3.38 -5.04 -2.11
C GLU A 11 -2.92 -3.74 -1.49
N CYS A 12 -2.81 -2.71 -2.30
CA CYS A 12 -2.38 -1.40 -1.84
C CYS A 12 -3.29 -0.86 -0.73
N ARG A 13 -4.59 -0.90 -0.96
CA ARG A 13 -5.55 -0.42 0.04
C ARG A 13 -5.48 -1.28 1.28
N LYS A 14 -5.30 -2.57 1.07
CA LYS A 14 -5.16 -3.54 2.13
C LYS A 14 -3.91 -3.28 2.97
N TYR A 15 -2.79 -2.99 2.32
CA TYR A 15 -1.56 -2.66 3.03
C TYR A 15 -1.78 -1.40 3.86
N LYS A 16 -2.40 -0.40 3.26
CA LYS A 16 -2.71 0.86 3.93
C LYS A 16 -3.63 0.61 5.14
N GLU A 17 -4.58 -0.27 4.95
CA GLU A 17 -5.55 -0.63 5.96
C GLU A 17 -4.89 -1.32 7.16
N GLU A 18 -4.08 -2.33 6.90
CA GLU A 18 -3.50 -3.15 7.95
C GLU A 18 -2.26 -2.51 8.58
N TYR A 19 -1.41 -1.96 7.74
CA TYR A 19 -0.12 -1.46 8.20
C TYR A 19 -0.20 -0.05 8.76
N CYS A 21 0.68 3.60 7.93
CA CYS A 21 1.36 4.55 7.09
C CYS A 21 2.23 3.83 6.09
N VAL A 22 1.75 3.72 4.86
CA VAL A 22 2.47 3.13 3.76
C VAL A 22 2.10 3.87 2.48
N ARG A 23 2.98 3.91 1.53
CA ARG A 23 2.75 4.63 0.31
C ARG A 23 3.02 3.77 -0.88
N CYS A 24 2.06 3.68 -1.73
CA CYS A 24 2.19 2.90 -2.92
C CYS A 24 2.54 3.80 -4.06
N THR A 25 3.18 3.27 -5.05
CA THR A 25 3.33 3.94 -6.28
C THR A 25 2.00 3.72 -7.00
N GLU A 26 1.14 4.71 -6.88
CA GLU A 26 -0.24 4.66 -7.32
C GLU A 26 -0.35 4.35 -8.82
N CYS A 1 7.76 3.69 7.99
CA CYS A 1 6.78 3.66 6.93
C CYS A 1 7.30 2.77 5.81
N GLN A 2 6.43 2.30 4.95
CA GLN A 2 6.84 1.46 3.84
C GLN A 2 6.40 2.03 2.52
N THR A 3 7.10 1.70 1.48
CA THR A 3 6.76 2.15 0.16
C THR A 3 6.43 0.92 -0.70
N TRP A 4 5.39 1.00 -1.47
CA TRP A 4 4.94 -0.08 -2.29
C TRP A 4 4.93 0.35 -3.73
N ARG A 5 5.54 -0.42 -4.59
CA ARG A 5 5.60 -0.11 -6.00
C ARG A 5 5.17 -1.32 -6.79
N VAL A 7 1.80 -2.49 -7.15
CA VAL A 7 0.81 -3.18 -6.37
C VAL A 7 -0.56 -2.92 -6.98
N SER A 8 -1.45 -3.84 -6.81
CA SER A 8 -2.80 -3.70 -7.33
C SER A 8 -3.62 -2.85 -6.34
N PRO A 9 -4.70 -2.16 -6.78
CA PRO A 9 -5.55 -1.33 -5.90
C PRO A 9 -6.01 -2.07 -4.63
N GLU A 10 -6.40 -3.33 -4.78
CA GLU A 10 -6.81 -4.18 -3.66
C GLU A 10 -5.69 -4.32 -2.65
N GLU A 11 -4.49 -4.55 -3.17
CA GLU A 11 -3.31 -4.69 -2.34
C GLU A 11 -2.97 -3.36 -1.71
N CYS A 12 -3.10 -2.31 -2.50
CA CYS A 12 -2.81 -0.95 -2.08
C CYS A 12 -3.63 -0.60 -0.84
N ARG A 13 -4.94 -0.80 -0.91
CA ARG A 13 -5.78 -0.52 0.23
C ARG A 13 -5.48 -1.51 1.34
N LYS A 14 -5.20 -2.75 0.99
CA LYS A 14 -4.83 -3.77 1.97
C LYS A 14 -3.63 -3.33 2.79
N TYR A 15 -2.58 -2.85 2.12
CA TYR A 15 -1.40 -2.38 2.82
C TYR A 15 -1.71 -1.17 3.68
N LYS A 16 -2.58 -0.30 3.16
CA LYS A 16 -3.01 0.86 3.94
C LYS A 16 -3.77 0.41 5.19
N GLU A 17 -4.70 -0.50 5.03
CA GLU A 17 -5.48 -1.04 6.13
C GLU A 17 -4.59 -1.79 7.12
N GLU A 18 -3.72 -2.62 6.59
CA GLU A 18 -2.87 -3.49 7.37
C GLU A 18 -1.84 -2.71 8.19
N TYR A 19 -1.17 -1.78 7.57
CA TYR A 19 -0.06 -1.10 8.21
C TYR A 19 -0.37 0.31 8.69
N CYS A 21 1.01 3.96 7.74
CA CYS A 21 1.89 4.86 7.00
C CYS A 21 2.63 4.09 5.91
N VAL A 22 2.04 4.06 4.74
CA VAL A 22 2.62 3.37 3.61
C VAL A 22 2.38 4.16 2.32
N ARG A 23 3.43 4.42 1.61
CA ARG A 23 3.33 5.11 0.35
C ARG A 23 3.07 4.11 -0.73
N CYS A 24 1.88 4.11 -1.20
CA CYS A 24 1.48 3.18 -2.20
C CYS A 24 1.57 3.83 -3.56
N THR A 25 2.50 3.39 -4.35
CA THR A 25 2.68 3.89 -5.66
C THR A 25 2.22 2.83 -6.65
N GLU A 26 1.21 3.12 -7.42
CA GLU A 26 0.77 2.23 -8.44
C GLU A 26 1.36 2.76 -9.73
N CYS A 1 6.98 4.92 6.63
CA CYS A 1 5.89 4.42 5.82
C CYS A 1 6.47 3.57 4.69
N GLN A 2 6.15 2.28 4.71
CA GLN A 2 6.62 1.34 3.68
C GLN A 2 6.12 1.72 2.31
N THR A 3 6.97 1.65 1.32
CA THR A 3 6.57 1.95 -0.03
C THR A 3 6.43 0.67 -0.84
N TRP A 4 5.25 0.44 -1.30
CA TRP A 4 4.93 -0.73 -2.06
C TRP A 4 4.93 -0.36 -3.51
N ARG A 5 5.92 -0.84 -4.21
CA ARG A 5 6.08 -0.48 -5.57
C ARG A 5 5.51 -1.55 -6.48
N VAL A 7 1.85 -2.28 -6.92
CA VAL A 7 0.77 -2.97 -6.23
C VAL A 7 -0.56 -2.41 -6.69
N SER A 8 -1.53 -3.27 -6.86
CA SER A 8 -2.85 -2.87 -7.31
C SER A 8 -3.61 -2.12 -6.18
N PRO A 9 -4.67 -1.34 -6.52
CA PRO A 9 -5.48 -0.58 -5.56
C PRO A 9 -5.87 -1.39 -4.31
N GLU A 10 -6.33 -2.63 -4.50
CA GLU A 10 -6.72 -3.44 -3.34
C GLU A 10 -5.54 -3.84 -2.51
N GLU A 11 -4.41 -4.12 -3.16
CA GLU A 11 -3.20 -4.46 -2.43
C GLU A 11 -2.80 -3.28 -1.59
N CYS A 12 -2.75 -2.13 -2.22
CA CYS A 12 -2.39 -0.89 -1.56
C CYS A 12 -3.33 -0.63 -0.38
N ARG A 13 -4.63 -0.79 -0.63
CA ARG A 13 -5.64 -0.58 0.40
C ARG A 13 -5.42 -1.53 1.56
N LYS A 14 -5.14 -2.78 1.25
CA LYS A 14 -4.96 -3.79 2.27
C LYS A 14 -3.63 -3.59 3.02
N TYR A 15 -2.62 -3.06 2.34
CA TYR A 15 -1.38 -2.72 3.02
C TYR A 15 -1.61 -1.56 3.97
N LYS A 16 -2.49 -0.65 3.58
CA LYS A 16 -2.89 0.46 4.45
C LYS A 16 -3.68 -0.08 5.62
N GLU A 17 -4.57 -1.01 5.34
CA GLU A 17 -5.39 -1.70 6.33
C GLU A 17 -4.48 -2.34 7.40
N GLU A 18 -3.40 -2.93 6.95
CA GLU A 18 -2.47 -3.58 7.80
C GLU A 18 -1.49 -2.60 8.50
N TYR A 19 -0.80 -1.79 7.73
CA TYR A 19 0.31 -1.02 8.30
C TYR A 19 0.01 0.46 8.56
N CYS A 21 0.27 3.82 7.58
CA CYS A 21 0.90 4.71 6.63
C CYS A 21 1.81 3.93 5.71
N VAL A 22 1.39 3.75 4.48
CA VAL A 22 2.20 3.12 3.48
C VAL A 22 2.06 3.88 2.18
N ARG A 23 3.08 3.87 1.39
CA ARG A 23 3.13 4.60 0.15
C ARG A 23 3.03 3.57 -0.96
N CYS A 24 2.28 3.85 -1.98
CA CYS A 24 2.12 2.89 -3.04
C CYS A 24 2.48 3.51 -4.37
N THR A 25 3.16 2.77 -5.20
CA THR A 25 3.46 3.23 -6.52
C THR A 25 2.33 2.80 -7.45
N GLU A 26 1.57 3.78 -7.86
CA GLU A 26 0.44 3.57 -8.71
C GLU A 26 0.89 3.62 -10.17
N CYS A 1 7.79 4.75 6.13
CA CYS A 1 6.65 3.94 5.73
C CYS A 1 7.04 3.18 4.46
N GLN A 2 6.65 1.91 4.37
CA GLN A 2 6.97 1.09 3.20
C GLN A 2 6.39 1.69 1.95
N THR A 3 7.18 1.77 0.95
CA THR A 3 6.77 2.32 -0.29
C THR A 3 6.56 1.21 -1.31
N TRP A 4 5.33 0.87 -1.50
CA TRP A 4 4.92 -0.15 -2.42
C TRP A 4 4.91 0.48 -3.79
N ARG A 5 5.42 -0.22 -4.75
CA ARG A 5 5.51 0.29 -6.08
C ARG A 5 5.09 -0.75 -7.08
N VAL A 7 1.66 -2.40 -7.26
CA VAL A 7 0.84 -3.44 -6.60
C VAL A 7 -0.61 -3.34 -7.07
N SER A 8 -1.42 -4.27 -6.70
CA SER A 8 -2.81 -4.20 -7.07
C SER A 8 -3.53 -3.26 -6.09
N PRO A 9 -4.53 -2.47 -6.56
CA PRO A 9 -5.31 -1.56 -5.69
C PRO A 9 -5.84 -2.27 -4.44
N GLU A 10 -6.28 -3.52 -4.60
CA GLU A 10 -6.74 -4.37 -3.52
C GLU A 10 -5.66 -4.49 -2.45
N GLU A 11 -4.48 -4.90 -2.90
CA GLU A 11 -3.35 -5.11 -2.04
C GLU A 11 -2.97 -3.81 -1.37
N CYS A 12 -2.89 -2.75 -2.16
CA CYS A 12 -2.55 -1.43 -1.64
C CYS A 12 -3.49 -1.00 -0.53
N ARG A 13 -4.79 -1.17 -0.76
CA ARG A 13 -5.78 -0.76 0.23
C ARG A 13 -5.64 -1.61 1.49
N LYS A 14 -5.37 -2.90 1.29
CA LYS A 14 -5.13 -3.83 2.38
C LYS A 14 -3.92 -3.38 3.19
N TYR A 15 -2.83 -3.07 2.52
CA TYR A 15 -1.62 -2.63 3.20
C TYR A 15 -1.85 -1.34 3.95
N LYS A 16 -2.60 -0.43 3.34
CA LYS A 16 -2.95 0.85 3.96
C LYS A 16 -3.77 0.66 5.22
N GLU A 17 -4.76 -0.19 5.15
CA GLU A 17 -5.64 -0.41 6.29
C GLU A 17 -5.00 -1.33 7.34
N GLU A 18 -4.02 -2.09 6.94
CA GLU A 18 -3.40 -3.02 7.85
C GLU A 18 -2.18 -2.40 8.56
N TYR A 19 -1.29 -1.79 7.80
CA TYR A 19 -0.03 -1.30 8.37
C TYR A 19 -0.10 0.16 8.76
N CYS A 21 0.49 3.64 7.86
CA CYS A 21 1.18 4.47 6.90
C CYS A 21 2.03 3.64 5.97
N VAL A 22 1.58 3.50 4.75
CA VAL A 22 2.34 2.88 3.69
C VAL A 22 2.12 3.72 2.46
N ARG A 23 3.08 3.77 1.59
CA ARG A 23 2.96 4.63 0.45
C ARG A 23 2.89 3.81 -0.80
N CYS A 24 1.77 3.79 -1.44
CA CYS A 24 1.64 3.12 -2.70
C CYS A 24 1.99 4.13 -3.77
N THR A 25 3.12 3.93 -4.38
CA THR A 25 3.60 4.81 -5.38
C THR A 25 3.61 4.03 -6.67
N GLU A 26 2.55 4.20 -7.40
CA GLU A 26 2.30 3.43 -8.58
C GLU A 26 2.72 4.18 -9.80
N CYS A 1 7.26 5.00 7.12
CA CYS A 1 6.43 4.49 6.05
C CYS A 1 7.19 3.54 5.15
N GLN A 2 6.58 2.41 4.84
CA GLN A 2 7.15 1.45 3.89
C GLN A 2 6.83 1.95 2.50
N THR A 3 7.45 1.40 1.51
CA THR A 3 7.21 1.82 0.16
C THR A 3 6.84 0.60 -0.69
N TRP A 4 5.61 0.54 -1.11
CA TRP A 4 5.13 -0.55 -1.94
C TRP A 4 5.13 -0.05 -3.36
N ARG A 5 5.74 -0.79 -4.24
CA ARG A 5 5.84 -0.36 -5.61
C ARG A 5 5.34 -1.44 -6.53
N VAL A 7 2.29 -2.77 -6.77
CA VAL A 7 1.37 -3.72 -6.20
C VAL A 7 0.02 -3.45 -6.83
N SER A 8 -0.87 -4.41 -6.82
CA SER A 8 -2.16 -4.21 -7.46
C SER A 8 -3.04 -3.32 -6.56
N PRO A 9 -3.99 -2.57 -7.16
CA PRO A 9 -4.90 -1.65 -6.43
C PRO A 9 -5.47 -2.23 -5.13
N GLU A 10 -5.97 -3.44 -5.19
CA GLU A 10 -6.58 -4.09 -4.04
C GLU A 10 -5.54 -4.31 -2.93
N GLU A 11 -4.37 -4.83 -3.31
CA GLU A 11 -3.28 -5.07 -2.36
C GLU A 11 -2.87 -3.76 -1.74
N CYS A 12 -2.71 -2.77 -2.59
CA CYS A 12 -2.29 -1.43 -2.21
C CYS A 12 -3.18 -0.87 -1.10
N ARG A 13 -4.49 -0.93 -1.34
CA ARG A 13 -5.46 -0.43 -0.39
C ARG A 13 -5.44 -1.23 0.89
N LYS A 14 -5.31 -2.54 0.77
CA LYS A 14 -5.25 -3.41 1.93
C LYS A 14 -3.98 -3.15 2.77
N TYR A 15 -2.87 -2.85 2.09
CA TYR A 15 -1.63 -2.53 2.80
C TYR A 15 -1.78 -1.22 3.56
N LYS A 16 -2.40 -0.24 2.92
CA LYS A 16 -2.63 1.06 3.55
C LYS A 16 -3.60 0.94 4.72
N GLU A 17 -4.59 0.10 4.54
CA GLU A 17 -5.61 -0.11 5.54
C GLU A 17 -5.05 -0.87 6.73
N GLU A 18 -4.20 -1.85 6.46
CA GLU A 18 -3.68 -2.72 7.49
C GLU A 18 -2.50 -2.11 8.24
N TYR A 19 -1.43 -1.80 7.53
CA TYR A 19 -0.18 -1.39 8.17
C TYR A 19 -0.24 0.02 8.71
N CYS A 21 1.29 3.53 8.01
CA CYS A 21 2.26 4.40 7.38
C CYS A 21 3.01 3.62 6.30
N VAL A 22 2.46 3.66 5.10
CA VAL A 22 3.01 3.02 3.94
C VAL A 22 2.71 3.88 2.72
N ARG A 23 3.63 3.95 1.82
CA ARG A 23 3.43 4.65 0.58
C ARG A 23 3.26 3.62 -0.50
N CYS A 24 2.42 3.89 -1.46
CA CYS A 24 2.04 2.87 -2.39
C CYS A 24 1.80 3.48 -3.78
N THR A 25 1.63 2.64 -4.77
CA THR A 25 1.39 3.07 -6.13
C THR A 25 -0.12 3.26 -6.37
N GLU A 26 -0.62 4.47 -6.20
CA GLU A 26 -2.02 4.77 -6.47
C GLU A 26 -2.11 5.82 -7.55
N CYS A 1 8.09 4.81 6.87
CA CYS A 1 6.92 4.05 6.44
C CYS A 1 7.31 3.13 5.29
N GLN A 2 6.50 2.09 5.04
CA GLN A 2 6.75 1.16 3.92
C GLN A 2 6.55 1.84 2.58
N THR A 3 7.02 1.23 1.54
CA THR A 3 6.90 1.72 0.21
C THR A 3 6.55 0.56 -0.72
N TRP A 4 5.32 0.51 -1.15
CA TRP A 4 4.86 -0.56 -2.01
C TRP A 4 4.86 -0.08 -3.43
N ARG A 5 5.75 -0.61 -4.20
CA ARG A 5 5.86 -0.23 -5.57
C ARG A 5 5.56 -1.38 -6.48
N VAL A 7 2.20 -2.69 -7.05
CA VAL A 7 1.19 -3.50 -6.43
C VAL A 7 -0.14 -3.03 -6.98
N SER A 8 -1.13 -3.87 -6.97
CA SER A 8 -2.42 -3.47 -7.49
C SER A 8 -3.17 -2.64 -6.43
N PRO A 9 -4.06 -1.72 -6.86
CA PRO A 9 -4.88 -0.88 -5.95
C PRO A 9 -5.57 -1.69 -4.81
N GLU A 10 -5.98 -2.91 -5.11
CA GLU A 10 -6.58 -3.80 -4.12
C GLU A 10 -5.57 -4.13 -3.01
N GLU A 11 -4.39 -4.60 -3.43
CA GLU A 11 -3.31 -4.91 -2.50
C GLU A 11 -2.91 -3.65 -1.77
N CYS A 12 -2.83 -2.57 -2.53
CA CYS A 12 -2.48 -1.27 -2.03
C CYS A 12 -3.40 -0.87 -0.88
N ARG A 13 -4.71 -1.04 -1.08
CA ARG A 13 -5.68 -0.73 -0.06
C ARG A 13 -5.47 -1.59 1.17
N LYS A 14 -5.28 -2.88 0.96
CA LYS A 14 -5.09 -3.77 2.08
C LYS A 14 -3.82 -3.42 2.88
N TYR A 15 -2.73 -3.13 2.18
CA TYR A 15 -1.49 -2.72 2.85
C TYR A 15 -1.67 -1.41 3.62
N LYS A 16 -2.35 -0.46 3.00
CA LYS A 16 -2.67 0.83 3.61
C LYS A 16 -3.49 0.65 4.88
N GLU A 17 -4.49 -0.20 4.80
CA GLU A 17 -5.38 -0.47 5.91
C GLU A 17 -4.62 -1.20 7.01
N GLU A 18 -3.82 -2.16 6.60
CA GLU A 18 -3.09 -3.04 7.49
C GLU A 18 -2.06 -2.28 8.34
N TYR A 19 -1.13 -1.64 7.66
CA TYR A 19 0.01 -1.06 8.35
C TYR A 19 -0.20 0.38 8.79
N CYS A 21 0.64 3.90 7.81
CA CYS A 21 1.42 4.77 6.98
C CYS A 21 2.29 3.97 6.05
N VAL A 22 1.94 3.96 4.80
CA VAL A 22 2.71 3.31 3.78
C VAL A 22 2.65 4.15 2.52
N ARG A 23 3.68 4.09 1.74
CA ARG A 23 3.68 4.74 0.45
C ARG A 23 3.35 3.68 -0.57
N CYS A 24 2.60 4.01 -1.56
CA CYS A 24 2.13 3.01 -2.48
C CYS A 24 1.93 3.60 -3.87
N THR A 25 2.19 2.81 -4.88
CA THR A 25 1.99 3.22 -6.24
C THR A 25 0.61 2.79 -6.75
N GLU A 26 -0.32 3.72 -6.77
CA GLU A 26 -1.64 3.46 -7.25
C GLU A 26 -1.89 4.39 -8.43
N CYS A 1 7.37 4.12 7.28
CA CYS A 1 6.26 3.96 6.37
C CYS A 1 6.76 3.31 5.08
N GLN A 2 6.45 2.04 4.88
CA GLN A 2 6.88 1.29 3.70
C GLN A 2 6.31 1.84 2.42
N THR A 3 7.05 1.74 1.36
CA THR A 3 6.57 2.13 0.07
C THR A 3 6.41 0.88 -0.79
N TRP A 4 5.23 0.70 -1.31
CA TRP A 4 4.92 -0.43 -2.14
C TRP A 4 4.86 0.03 -3.58
N ARG A 5 5.81 -0.38 -4.37
CA ARG A 5 5.88 0.07 -5.75
C ARG A 5 5.40 -0.99 -6.71
N VAL A 7 2.01 -2.46 -7.01
CA VAL A 7 1.20 -3.46 -6.36
C VAL A 7 -0.23 -3.29 -6.80
N SER A 8 -1.00 -4.34 -6.67
CA SER A 8 -2.39 -4.35 -7.07
C SER A 8 -3.19 -3.33 -6.24
N PRO A 9 -3.97 -2.45 -6.90
CA PRO A 9 -4.76 -1.36 -6.26
C PRO A 9 -5.54 -1.80 -5.00
N GLU A 10 -6.23 -2.92 -5.10
CA GLU A 10 -7.00 -3.44 -3.98
C GLU A 10 -6.06 -3.85 -2.84
N GLU A 11 -5.00 -4.56 -3.18
CA GLU A 11 -4.02 -5.00 -2.20
C GLU A 11 -3.33 -3.76 -1.60
N CYS A 12 -3.13 -2.76 -2.44
CA CYS A 12 -2.55 -1.48 -2.07
C CYS A 12 -3.35 -0.83 -0.92
N ARG A 13 -4.66 -0.67 -1.10
CA ARG A 13 -5.48 -0.08 -0.05
C ARG A 13 -5.52 -0.99 1.19
N LYS A 14 -5.47 -2.30 0.95
CA LYS A 14 -5.38 -3.27 2.03
C LYS A 14 -4.07 -3.12 2.81
N TYR A 15 -2.97 -2.82 2.10
CA TYR A 15 -1.67 -2.58 2.75
C TYR A 15 -1.75 -1.32 3.58
N LYS A 16 -2.43 -0.31 3.06
CA LYS A 16 -2.64 0.94 3.78
C LYS A 16 -3.37 0.70 5.07
N GLU A 17 -4.35 -0.17 5.03
CA GLU A 17 -5.11 -0.54 6.20
C GLU A 17 -4.24 -1.34 7.18
N GLU A 18 -3.49 -2.27 6.64
CA GLU A 18 -2.65 -3.19 7.39
C GLU A 18 -1.51 -2.48 8.13
N TYR A 19 -0.68 -1.78 7.41
CA TYR A 19 0.54 -1.23 7.98
C TYR A 19 0.38 0.22 8.46
N CYS A 21 0.68 3.60 8.08
CA CYS A 21 1.37 4.60 7.28
C CYS A 21 2.25 3.91 6.27
N VAL A 22 1.82 3.89 5.03
CA VAL A 22 2.58 3.33 3.94
C VAL A 22 2.33 4.14 2.70
N ARG A 23 3.25 4.04 1.79
CA ARG A 23 3.16 4.73 0.54
C ARG A 23 2.92 3.69 -0.53
N CYS A 24 2.18 4.03 -1.52
CA CYS A 24 1.84 3.09 -2.53
C CYS A 24 1.97 3.73 -3.90
N THR A 25 2.72 3.11 -4.76
CA THR A 25 2.87 3.59 -6.07
C THR A 25 2.04 2.71 -7.03
N GLU A 26 0.86 3.20 -7.33
CA GLU A 26 -0.11 2.56 -8.20
C GLU A 26 -1.17 3.60 -8.52
N CYS A 1 7.42 5.49 5.95
CA CYS A 1 6.31 4.72 5.45
C CYS A 1 6.76 3.95 4.21
N GLN A 2 6.59 2.62 4.24
CA GLN A 2 7.05 1.76 3.15
C GLN A 2 6.41 2.11 1.81
N THR A 3 7.17 1.97 0.76
CA THR A 3 6.70 2.27 -0.56
C THR A 3 6.48 0.97 -1.34
N TRP A 4 5.23 0.68 -1.64
CA TRP A 4 4.85 -0.53 -2.32
C TRP A 4 4.59 -0.25 -3.78
N ARG A 5 5.34 -0.84 -4.65
CA ARG A 5 5.15 -0.63 -6.06
C ARG A 5 4.81 -1.95 -6.73
N VAL A 7 1.86 -3.14 -7.15
CA VAL A 7 0.86 -3.72 -6.31
C VAL A 7 -0.49 -3.29 -6.80
N SER A 8 -1.45 -4.14 -6.63
CA SER A 8 -2.79 -3.87 -7.07
C SER A 8 -3.45 -2.85 -6.14
N PRO A 9 -4.57 -2.20 -6.58
CA PRO A 9 -5.32 -1.28 -5.73
C PRO A 9 -5.80 -2.00 -4.46
N GLU A 10 -6.07 -3.29 -4.63
CA GLU A 10 -6.51 -4.14 -3.55
C GLU A 10 -5.37 -4.35 -2.55
N GLU A 11 -4.19 -4.75 -3.04
CA GLU A 11 -3.01 -4.89 -2.16
C GLU A 11 -2.71 -3.57 -1.48
N CYS A 12 -2.74 -2.49 -2.24
CA CYS A 12 -2.50 -1.15 -1.71
C CYS A 12 -3.43 -0.85 -0.53
N ARG A 13 -4.73 -1.06 -0.74
CA ARG A 13 -5.73 -0.83 0.30
C ARG A 13 -5.46 -1.74 1.49
N LYS A 14 -5.17 -2.97 1.18
CA LYS A 14 -4.88 -4.01 2.15
C LYS A 14 -3.66 -3.67 3.03
N TYR A 15 -2.59 -3.13 2.43
CA TYR A 15 -1.42 -2.73 3.21
C TYR A 15 -1.74 -1.54 4.09
N LYS A 16 -2.51 -0.61 3.53
CA LYS A 16 -2.94 0.58 4.27
C LYS A 16 -3.81 0.17 5.45
N GLU A 17 -4.73 -0.74 5.20
CA GLU A 17 -5.64 -1.27 6.20
C GLU A 17 -4.87 -2.07 7.26
N GLU A 18 -3.82 -2.73 6.82
CA GLU A 18 -2.99 -3.57 7.68
C GLU A 18 -2.17 -2.74 8.66
N TYR A 19 -1.33 -1.88 8.13
CA TYR A 19 -0.35 -1.17 8.93
C TYR A 19 -0.78 0.24 9.33
N CYS A 21 0.40 3.88 7.86
CA CYS A 21 1.10 4.70 6.88
C CYS A 21 2.02 3.87 5.99
N VAL A 22 1.55 3.61 4.80
CA VAL A 22 2.32 2.98 3.76
C VAL A 22 1.99 3.71 2.48
N ARG A 23 2.92 3.82 1.59
CA ARG A 23 2.69 4.57 0.41
C ARG A 23 2.77 3.65 -0.79
N CYS A 24 1.81 3.69 -1.63
CA CYS A 24 1.80 2.88 -2.81
C CYS A 24 2.44 3.64 -3.96
N THR A 25 2.68 2.96 -5.06
CA THR A 25 3.27 3.57 -6.22
C THR A 25 2.32 4.62 -6.81
N GLU A 26 2.89 5.72 -7.21
CA GLU A 26 2.16 6.80 -7.78
C GLU A 26 2.89 7.24 -9.00
N CYS A 1 8.39 4.84 6.55
CA CYS A 1 7.17 4.15 6.19
C CYS A 1 7.41 3.29 4.97
N GLN A 2 6.77 2.13 4.91
CA GLN A 2 6.93 1.17 3.81
C GLN A 2 6.49 1.80 2.50
N THR A 3 7.12 1.43 1.43
CA THR A 3 6.77 1.91 0.13
C THR A 3 6.46 0.71 -0.76
N TRP A 4 5.20 0.50 -1.04
CA TRP A 4 4.75 -0.63 -1.82
C TRP A 4 4.81 -0.31 -3.29
N ARG A 5 5.68 -0.98 -3.98
CA ARG A 5 5.96 -0.72 -5.37
C ARG A 5 5.25 -1.72 -6.25
N VAL A 7 1.95 -2.42 -6.93
CA VAL A 7 0.92 -3.16 -6.32
C VAL A 7 -0.40 -2.72 -6.92
N SER A 8 -1.31 -3.64 -7.04
CA SER A 8 -2.62 -3.35 -7.58
C SER A 8 -3.42 -2.64 -6.48
N PRO A 9 -4.45 -1.84 -6.83
CA PRO A 9 -5.29 -1.11 -5.86
C PRO A 9 -5.78 -1.99 -4.70
N GLU A 10 -6.13 -3.23 -5.01
CA GLU A 10 -6.59 -4.19 -4.01
C GLU A 10 -5.49 -4.42 -2.98
N GLU A 11 -4.31 -4.75 -3.49
CA GLU A 11 -3.12 -5.01 -2.68
C GLU A 11 -2.75 -3.74 -1.92
N CYS A 12 -2.81 -2.63 -2.63
CA CYS A 12 -2.49 -1.32 -2.12
C CYS A 12 -3.31 -1.01 -0.87
N ARG A 13 -4.64 -1.04 -1.01
CA ARG A 13 -5.53 -0.73 0.10
C ARG A 13 -5.34 -1.74 1.23
N LYS A 14 -5.10 -3.00 0.85
CA LYS A 14 -4.86 -4.07 1.81
C LYS A 14 -3.71 -3.69 2.76
N TYR A 15 -2.57 -3.34 2.18
CA TYR A 15 -1.40 -2.95 2.96
C TYR A 15 -1.64 -1.65 3.72
N LYS A 16 -2.31 -0.71 3.09
CA LYS A 16 -2.62 0.58 3.72
C LYS A 16 -3.49 0.39 4.96
N GLU A 17 -4.53 -0.40 4.83
CA GLU A 17 -5.46 -0.65 5.91
C GLU A 17 -4.82 -1.52 7.00
N GLU A 18 -3.90 -2.38 6.60
CA GLU A 18 -3.21 -3.24 7.54
C GLU A 18 -2.12 -2.49 8.34
N TYR A 19 -1.49 -1.51 7.72
CA TYR A 19 -0.41 -0.78 8.37
C TYR A 19 -0.81 0.63 8.84
N CYS A 21 0.78 4.29 7.85
CA CYS A 21 1.70 5.10 7.07
C CYS A 21 2.51 4.21 6.15
N VAL A 22 2.02 4.05 4.95
CA VAL A 22 2.68 3.33 3.91
C VAL A 22 2.46 4.05 2.60
N ARG A 23 3.44 4.05 1.78
CA ARG A 23 3.36 4.67 0.50
C ARG A 23 3.01 3.63 -0.51
N CYS A 24 2.26 3.99 -1.48
CA CYS A 24 1.81 3.05 -2.46
C CYS A 24 2.16 3.56 -3.83
N THR A 25 2.14 2.69 -4.80
CA THR A 25 2.40 3.10 -6.15
C THR A 25 1.07 3.18 -6.91
N GLU A 26 0.82 4.35 -7.47
CA GLU A 26 -0.38 4.66 -8.23
C GLU A 26 -1.62 4.67 -7.34
N CYS A 1 7.64 3.41 7.53
CA CYS A 1 6.60 3.51 6.51
C CYS A 1 6.99 2.72 5.28
N GLN A 2 6.36 1.56 5.12
CA GLN A 2 6.59 0.67 3.98
C GLN A 2 6.15 1.31 2.67
N THR A 3 6.77 0.93 1.60
CA THR A 3 6.39 1.42 0.31
C THR A 3 5.96 0.25 -0.56
N TRP A 4 4.92 0.47 -1.34
CA TRP A 4 4.39 -0.53 -2.22
C TRP A 4 4.28 0.11 -3.57
N ARG A 5 5.09 -0.29 -4.48
CA ARG A 5 5.17 0.37 -5.75
C ARG A 5 4.83 -0.58 -6.86
N VAL A 7 2.01 -2.19 -7.04
CA VAL A 7 1.11 -3.21 -6.50
C VAL A 7 -0.31 -3.00 -6.99
N SER A 8 -1.11 -4.02 -6.88
CA SER A 8 -2.48 -3.97 -7.33
C SER A 8 -3.34 -3.20 -6.31
N PRO A 9 -4.49 -2.60 -6.75
CA PRO A 9 -5.40 -1.85 -5.87
C PRO A 9 -5.78 -2.61 -4.61
N GLU A 10 -5.96 -3.94 -4.71
CA GLU A 10 -6.31 -4.74 -3.55
C GLU A 10 -5.17 -4.73 -2.55
N GLU A 11 -3.96 -5.06 -3.02
CA GLU A 11 -2.76 -5.05 -2.17
C GLU A 11 -2.58 -3.69 -1.55
N CYS A 12 -2.73 -2.68 -2.39
CA CYS A 12 -2.58 -1.30 -2.01
C CYS A 12 -3.52 -0.98 -0.86
N ARG A 13 -4.80 -1.23 -1.06
CA ARG A 13 -5.85 -0.94 -0.08
C ARG A 13 -5.56 -1.71 1.22
N LYS A 14 -5.30 -3.01 1.04
CA LYS A 14 -4.99 -3.95 2.09
C LYS A 14 -3.87 -3.42 2.98
N TYR A 15 -2.73 -3.14 2.38
CA TYR A 15 -1.56 -2.72 3.10
C TYR A 15 -1.72 -1.32 3.69
N LYS A 16 -2.45 -0.46 3.00
CA LYS A 16 -2.67 0.89 3.49
C LYS A 16 -3.44 0.89 4.78
N GLU A 17 -4.47 0.07 4.88
CA GLU A 17 -5.19 -0.02 6.12
C GLU A 17 -4.51 -0.97 7.10
N GLU A 18 -3.65 -1.82 6.59
CA GLU A 18 -2.93 -2.78 7.40
C GLU A 18 -1.84 -2.11 8.24
N TYR A 19 -1.01 -1.29 7.61
CA TYR A 19 0.16 -0.74 8.30
C TYR A 19 0.04 0.73 8.68
N CYS A 21 0.92 4.08 7.87
CA CYS A 21 1.79 4.92 7.08
C CYS A 21 2.54 4.07 6.06
N VAL A 22 2.04 4.05 4.85
CA VAL A 22 2.68 3.35 3.77
C VAL A 22 2.56 4.18 2.51
N ARG A 23 3.45 3.96 1.59
CA ARG A 23 3.45 4.72 0.35
C ARG A 23 3.17 3.82 -0.82
N CYS A 24 1.94 3.84 -1.26
CA CYS A 24 1.51 3.05 -2.37
C CYS A 24 1.63 3.86 -3.64
N THR A 25 2.53 3.45 -4.48
CA THR A 25 2.80 4.14 -5.69
C THR A 25 2.22 3.36 -6.88
N GLU A 26 1.33 4.01 -7.60
CA GLU A 26 0.74 3.44 -8.78
C GLU A 26 0.46 4.56 -9.77
N CYS A 1 6.91 4.50 6.90
CA CYS A 1 5.83 4.23 5.96
C CYS A 1 6.35 3.38 4.84
N GLN A 2 5.66 2.28 4.55
CA GLN A 2 6.10 1.40 3.50
C GLN A 2 5.80 1.97 2.14
N THR A 3 6.78 1.98 1.29
CA THR A 3 6.63 2.43 -0.05
C THR A 3 6.47 1.21 -0.95
N TRP A 4 5.39 1.16 -1.69
CA TRP A 4 5.11 0.03 -2.56
C TRP A 4 5.14 0.46 -4.00
N ARG A 5 5.52 -0.43 -4.88
CA ARG A 5 5.58 -0.15 -6.30
C ARG A 5 4.90 -1.24 -7.07
N VAL A 7 1.75 -2.36 -7.02
CA VAL A 7 0.86 -3.23 -6.31
C VAL A 7 -0.56 -2.85 -6.65
N SER A 8 -1.46 -3.80 -6.59
CA SER A 8 -2.84 -3.56 -6.90
C SER A 8 -3.47 -2.66 -5.82
N PRO A 9 -4.24 -1.61 -6.22
CA PRO A 9 -4.90 -0.67 -5.31
C PRO A 9 -5.63 -1.31 -4.12
N GLU A 10 -6.31 -2.43 -4.35
CA GLU A 10 -7.03 -3.10 -3.26
C GLU A 10 -6.06 -3.79 -2.29
N GLU A 11 -4.96 -4.31 -2.81
CA GLU A 11 -3.90 -4.89 -1.97
C GLU A 11 -3.27 -3.77 -1.18
N CYS A 12 -3.09 -2.65 -1.85
CA CYS A 12 -2.54 -1.45 -1.23
C CYS A 12 -3.47 -0.96 -0.11
N ARG A 13 -4.77 -1.12 -0.32
CA ARG A 13 -5.76 -0.74 0.68
C ARG A 13 -5.62 -1.67 1.89
N LYS A 14 -5.34 -2.95 1.62
CA LYS A 14 -5.05 -3.92 2.68
C LYS A 14 -3.79 -3.52 3.44
N TYR A 15 -2.80 -3.02 2.74
CA TYR A 15 -1.55 -2.57 3.37
C TYR A 15 -1.82 -1.33 4.24
N LYS A 16 -2.69 -0.46 3.75
CA LYS A 16 -3.10 0.74 4.49
C LYS A 16 -3.94 0.36 5.70
N GLU A 17 -4.57 -0.77 5.61
CA GLU A 17 -5.36 -1.31 6.68
C GLU A 17 -4.43 -1.96 7.72
N GLU A 18 -3.64 -2.91 7.26
CA GLU A 18 -2.81 -3.75 8.09
C GLU A 18 -1.60 -3.00 8.68
N TYR A 19 -0.85 -2.34 7.83
CA TYR A 19 0.39 -1.72 8.26
C TYR A 19 0.18 -0.31 8.76
N CYS A 21 0.45 3.62 7.51
CA CYS A 21 0.90 4.59 6.54
C CYS A 21 1.76 3.90 5.49
N VAL A 22 1.18 3.64 4.36
CA VAL A 22 1.91 3.09 3.26
C VAL A 22 1.62 3.90 2.02
N ARG A 23 2.58 4.05 1.16
CA ARG A 23 2.45 4.84 -0.03
C ARG A 23 2.79 4.01 -1.24
N CYS A 24 1.79 3.70 -2.00
CA CYS A 24 1.95 2.91 -3.19
C CYS A 24 2.12 3.83 -4.39
N THR A 25 3.11 3.56 -5.20
CA THR A 25 3.36 4.33 -6.37
C THR A 25 3.59 3.37 -7.55
N GLU A 26 3.45 3.84 -8.75
CA GLU A 26 3.62 3.00 -9.91
C GLU A 26 4.97 3.28 -10.54
N CYS A 1 8.23 3.80 7.03
CA CYS A 1 6.99 3.40 6.40
C CYS A 1 7.34 2.67 5.10
N GLN A 2 6.66 1.57 4.83
CA GLN A 2 6.94 0.79 3.62
C GLN A 2 6.48 1.54 2.38
N THR A 3 7.14 1.32 1.29
CA THR A 3 6.79 1.92 0.04
C THR A 3 6.40 0.82 -0.95
N TRP A 4 5.18 0.88 -1.41
CA TRP A 4 4.63 -0.12 -2.27
C TRP A 4 4.57 0.40 -3.68
N ARG A 5 5.37 -0.17 -4.52
CA ARG A 5 5.44 0.15 -5.92
C ARG A 5 5.29 -1.13 -6.71
N VAL A 7 2.30 -2.90 -6.94
CA VAL A 7 1.44 -3.76 -6.20
C VAL A 7 0.05 -3.67 -6.80
N SER A 8 -0.76 -4.65 -6.55
CA SER A 8 -2.10 -4.67 -7.05
C SER A 8 -2.93 -3.59 -6.34
N PRO A 9 -3.92 -2.97 -7.02
CA PRO A 9 -4.78 -1.91 -6.42
C PRO A 9 -5.43 -2.36 -5.10
N GLU A 10 -5.99 -3.57 -5.12
CA GLU A 10 -6.61 -4.17 -3.95
C GLU A 10 -5.58 -4.31 -2.83
N GLU A 11 -4.41 -4.82 -3.19
CA GLU A 11 -3.30 -4.97 -2.25
C GLU A 11 -2.87 -3.62 -1.70
N CYS A 12 -2.82 -2.62 -2.57
CA CYS A 12 -2.43 -1.27 -2.20
C CYS A 12 -3.29 -0.73 -1.08
N ARG A 13 -4.61 -0.75 -1.28
CA ARG A 13 -5.53 -0.24 -0.25
C ARG A 13 -5.51 -1.15 0.99
N LYS A 14 -5.30 -2.43 0.76
CA LYS A 14 -5.15 -3.43 1.81
C LYS A 14 -3.97 -3.09 2.72
N TYR A 15 -2.82 -2.85 2.12
CA TYR A 15 -1.62 -2.52 2.88
C TYR A 15 -1.82 -1.20 3.59
N LYS A 16 -2.50 -0.29 2.93
CA LYS A 16 -2.78 1.01 3.51
C LYS A 16 -3.66 0.92 4.75
N GLU A 17 -4.63 0.05 4.76
CA GLU A 17 -5.49 -0.13 5.94
C GLU A 17 -4.78 -0.94 7.01
N GLU A 18 -3.97 -1.87 6.58
CA GLU A 18 -3.30 -2.79 7.46
C GLU A 18 -2.07 -2.19 8.17
N TYR A 19 -1.19 -1.58 7.43
CA TYR A 19 0.04 -1.09 8.00
C TYR A 19 -0.09 0.33 8.52
N CYS A 21 0.94 3.74 7.95
CA CYS A 21 1.83 4.60 7.22
C CYS A 21 2.60 3.80 6.21
N VAL A 22 2.14 3.81 4.99
CA VAL A 22 2.80 3.18 3.88
C VAL A 22 2.63 4.03 2.66
N ARG A 23 3.65 4.10 1.86
CA ARG A 23 3.62 4.91 0.67
C ARG A 23 3.31 4.02 -0.49
N CYS A 24 2.09 4.00 -0.90
CA CYS A 24 1.70 3.16 -1.97
C CYS A 24 1.29 4.02 -3.12
N THR A 25 1.99 3.90 -4.21
CA THR A 25 1.69 4.68 -5.35
C THR A 25 0.92 3.83 -6.37
N GLU A 26 -0.35 4.09 -6.47
CA GLU A 26 -1.21 3.43 -7.41
C GLU A 26 -1.05 4.13 -8.75
N CYS A 1 7.77 4.31 6.74
CA CYS A 1 6.69 3.86 5.89
C CYS A 1 7.22 3.00 4.76
N GLN A 2 6.84 1.72 4.74
CA GLN A 2 7.26 0.82 3.66
C GLN A 2 6.65 1.25 2.35
N THR A 3 7.46 1.44 1.36
CA THR A 3 6.99 1.84 0.09
C THR A 3 6.71 0.61 -0.78
N TRP A 4 5.51 0.52 -1.28
CA TRP A 4 5.11 -0.58 -2.10
C TRP A 4 5.15 -0.16 -3.54
N ARG A 5 6.08 -0.68 -4.29
CA ARG A 5 6.20 -0.32 -5.68
C ARG A 5 5.68 -1.43 -6.56
N VAL A 7 2.52 -2.91 -6.74
CA VAL A 7 1.66 -3.93 -6.19
C VAL A 7 0.28 -3.75 -6.83
N SER A 8 -0.58 -4.73 -6.70
CA SER A 8 -1.88 -4.64 -7.32
C SER A 8 -2.75 -3.61 -6.57
N PRO A 9 -3.73 -2.96 -7.26
CA PRO A 9 -4.62 -1.96 -6.65
C PRO A 9 -5.23 -2.44 -5.34
N GLU A 10 -5.81 -3.63 -5.39
CA GLU A 10 -6.43 -4.24 -4.23
C GLU A 10 -5.44 -4.40 -3.09
N GLU A 11 -4.27 -4.97 -3.40
CA GLU A 11 -3.21 -5.18 -2.43
C GLU A 11 -2.80 -3.85 -1.81
N CYS A 12 -2.57 -2.86 -2.66
CA CYS A 12 -2.14 -1.53 -2.26
C CYS A 12 -3.08 -0.92 -1.24
N ARG A 13 -4.36 -0.95 -1.57
CA ARG A 13 -5.39 -0.39 -0.70
C ARG A 13 -5.45 -1.17 0.61
N LYS A 14 -5.29 -2.48 0.53
CA LYS A 14 -5.28 -3.31 1.71
C LYS A 14 -4.08 -2.99 2.59
N TYR A 15 -2.90 -2.87 1.99
CA TYR A 15 -1.68 -2.53 2.73
C TYR A 15 -1.80 -1.18 3.40
N LYS A 16 -2.31 -0.21 2.67
CA LYS A 16 -2.49 1.14 3.19
C LYS A 16 -3.45 1.16 4.35
N GLU A 17 -4.55 0.45 4.22
CA GLU A 17 -5.56 0.42 5.24
C GLU A 17 -5.13 -0.48 6.42
N GLU A 18 -4.21 -1.39 6.15
CA GLU A 18 -3.72 -2.31 7.17
C GLU A 18 -2.68 -1.65 8.07
N TYR A 19 -1.60 -1.21 7.48
CA TYR A 19 -0.46 -0.76 8.24
C TYR A 19 -0.56 0.67 8.71
N CYS A 21 1.41 3.52 8.18
CA CYS A 21 2.61 4.12 7.67
C CYS A 21 3.22 3.23 6.59
N VAL A 22 2.78 3.45 5.39
CA VAL A 22 3.27 2.80 4.19
C VAL A 22 3.09 3.77 3.06
N ARG A 23 3.86 3.65 2.03
CA ARG A 23 3.74 4.52 0.90
C ARG A 23 3.43 3.69 -0.32
N CYS A 24 2.26 3.84 -0.83
CA CYS A 24 1.84 3.13 -1.99
C CYS A 24 1.02 4.05 -2.84
N THR A 25 1.09 3.90 -4.11
CA THR A 25 0.39 4.75 -5.02
C THR A 25 -0.65 3.92 -5.78
N GLU A 26 -1.87 4.39 -5.78
CA GLU A 26 -2.96 3.73 -6.43
C GLU A 26 -4.00 4.81 -6.71
N CYS A 1 7.63 3.32 8.03
CA CYS A 1 6.74 3.34 6.87
C CYS A 1 7.43 2.62 5.70
N GLN A 2 6.68 1.82 4.96
CA GLN A 2 7.21 1.08 3.81
C GLN A 2 6.73 1.67 2.50
N THR A 3 7.51 1.48 1.46
CA THR A 3 7.13 1.90 0.15
C THR A 3 6.90 0.64 -0.72
N TRP A 4 5.80 0.62 -1.41
CA TRP A 4 5.44 -0.51 -2.23
C TRP A 4 5.71 -0.19 -3.68
N ARG A 5 6.31 -1.09 -4.39
CA ARG A 5 6.69 -0.84 -5.77
C ARG A 5 5.88 -1.68 -6.71
N VAL A 7 2.46 -2.60 -6.81
CA VAL A 7 1.59 -3.62 -6.25
C VAL A 7 0.17 -3.44 -6.78
N SER A 8 -0.62 -4.49 -6.70
CA SER A 8 -1.98 -4.47 -7.19
C SER A 8 -2.87 -3.60 -6.29
N PRO A 9 -3.77 -2.76 -6.88
CA PRO A 9 -4.64 -1.80 -6.15
C PRO A 9 -5.36 -2.36 -4.91
N GLU A 10 -5.96 -3.53 -5.02
CA GLU A 10 -6.68 -4.11 -3.89
C GLU A 10 -5.72 -4.49 -2.77
N GLU A 11 -4.58 -5.04 -3.14
CA GLU A 11 -3.53 -5.34 -2.18
C GLU A 11 -2.99 -4.04 -1.61
N CYS A 12 -2.80 -3.07 -2.48
CA CYS A 12 -2.33 -1.75 -2.11
C CYS A 12 -3.20 -1.15 -1.03
N ARG A 13 -4.52 -1.11 -1.25
CA ARG A 13 -5.44 -0.55 -0.26
C ARG A 13 -5.49 -1.39 1.00
N LYS A 14 -5.26 -2.69 0.85
CA LYS A 14 -5.12 -3.58 1.99
C LYS A 14 -3.93 -3.13 2.84
N TYR A 15 -2.81 -2.89 2.20
CA TYR A 15 -1.61 -2.45 2.90
C TYR A 15 -1.80 -1.05 3.48
N LYS A 16 -2.51 -0.22 2.73
CA LYS A 16 -2.82 1.14 3.14
C LYS A 16 -3.68 1.19 4.38
N GLU A 17 -4.57 0.24 4.53
CA GLU A 17 -5.45 0.20 5.68
C GLU A 17 -4.85 -0.66 6.81
N GLU A 18 -4.10 -1.66 6.46
CA GLU A 18 -3.59 -2.58 7.44
C GLU A 18 -2.34 -2.03 8.12
N TYR A 19 -1.43 -1.47 7.36
CA TYR A 19 -0.16 -1.03 7.92
C TYR A 19 -0.19 0.44 8.29
N CYS A 21 0.93 3.82 7.72
CA CYS A 21 1.91 4.67 7.07
C CYS A 21 2.69 3.89 6.02
N VAL A 22 2.22 3.93 4.80
CA VAL A 22 2.89 3.29 3.69
C VAL A 22 2.78 4.17 2.46
N ARG A 23 3.75 4.08 1.60
CA ARG A 23 3.72 4.80 0.35
C ARG A 23 3.45 3.80 -0.75
N CYS A 24 2.29 3.88 -1.32
CA CYS A 24 1.86 2.94 -2.32
C CYS A 24 1.30 3.69 -3.54
N THR A 25 1.10 2.96 -4.62
CA THR A 25 0.62 3.50 -5.88
C THR A 25 -0.83 4.03 -5.73
N GLU A 26 -1.14 5.08 -6.47
CA GLU A 26 -2.47 5.62 -6.49
C GLU A 26 -2.89 5.79 -7.93
N CYS A 1 6.98 5.43 6.05
CA CYS A 1 5.94 4.64 5.41
C CYS A 1 6.53 3.82 4.26
N GLN A 2 6.40 2.48 4.31
CA GLN A 2 6.92 1.62 3.23
C GLN A 2 6.26 1.99 1.93
N THR A 3 7.06 2.23 0.93
CA THR A 3 6.54 2.57 -0.36
C THR A 3 6.49 1.31 -1.21
N TRP A 4 5.32 0.93 -1.60
CA TRP A 4 5.10 -0.26 -2.39
C TRP A 4 5.19 0.07 -3.87
N ARG A 5 5.79 -0.81 -4.61
CA ARG A 5 5.89 -0.69 -6.05
C ARG A 5 5.35 -1.95 -6.65
N VAL A 7 2.16 -2.94 -6.74
CA VAL A 7 1.06 -3.54 -6.02
C VAL A 7 -0.25 -3.15 -6.66
N SER A 8 -1.22 -4.01 -6.59
CA SER A 8 -2.52 -3.72 -7.14
C SER A 8 -3.28 -2.82 -6.17
N PRO A 9 -4.32 -2.08 -6.66
CA PRO A 9 -5.17 -1.21 -5.83
C PRO A 9 -5.70 -1.96 -4.61
N GLU A 10 -6.04 -3.22 -4.84
CA GLU A 10 -6.53 -4.12 -3.81
C GLU A 10 -5.51 -4.29 -2.71
N GLU A 11 -4.32 -4.77 -3.08
CA GLU A 11 -3.22 -5.00 -2.15
C GLU A 11 -2.87 -3.71 -1.45
N CYS A 12 -2.72 -2.65 -2.21
CA CYS A 12 -2.39 -1.33 -1.67
C CYS A 12 -3.36 -0.91 -0.58
N ARG A 13 -4.65 -1.02 -0.87
CA ARG A 13 -5.67 -0.61 0.06
C ARG A 13 -5.65 -1.48 1.30
N LYS A 14 -5.39 -2.77 1.10
CA LYS A 14 -5.29 -3.71 2.20
C LYS A 14 -4.06 -3.42 3.06
N TYR A 15 -2.93 -3.15 2.42
CA TYR A 15 -1.70 -2.84 3.13
C TYR A 15 -1.86 -1.59 3.95
N LYS A 16 -2.54 -0.60 3.39
CA LYS A 16 -2.79 0.63 4.12
C LYS A 16 -3.68 0.36 5.31
N GLU A 17 -4.72 -0.44 5.08
CA GLU A 17 -5.67 -0.80 6.12
C GLU A 17 -4.99 -1.51 7.28
N GLU A 18 -4.07 -2.40 6.95
CA GLU A 18 -3.40 -3.18 7.97
C GLU A 18 -2.23 -2.43 8.61
N TYR A 19 -1.31 -1.92 7.81
CA TYR A 19 -0.09 -1.35 8.38
C TYR A 19 -0.26 0.08 8.87
N CYS A 21 1.08 3.25 8.14
CA CYS A 21 2.07 4.07 7.48
C CYS A 21 2.72 3.29 6.34
N VAL A 22 2.12 3.38 5.18
CA VAL A 22 2.63 2.81 3.94
C VAL A 22 2.16 3.68 2.80
N ARG A 23 2.83 3.61 1.68
CA ARG A 23 2.50 4.41 0.51
C ARG A 23 2.63 3.54 -0.72
N CYS A 24 1.86 3.81 -1.72
CA CYS A 24 1.91 3.03 -2.93
C CYS A 24 2.31 3.92 -4.11
N THR A 25 2.94 3.33 -5.09
CA THR A 25 3.35 4.05 -6.25
C THR A 25 2.22 4.03 -7.29
N GLU A 26 1.46 5.08 -7.32
CA GLU A 26 0.36 5.23 -8.23
C GLU A 26 0.54 6.51 -9.02
N CYS A 1 7.41 2.63 7.90
CA CYS A 1 6.63 2.91 6.70
C CYS A 1 7.17 2.09 5.53
N GLN A 2 6.28 1.49 4.75
CA GLN A 2 6.67 0.63 3.63
C GLN A 2 6.31 1.28 2.31
N THR A 3 7.24 1.31 1.39
CA THR A 3 7.01 1.86 0.10
C THR A 3 6.73 0.74 -0.92
N TRP A 4 5.50 0.66 -1.36
CA TRP A 4 5.06 -0.38 -2.26
C TRP A 4 5.05 0.16 -3.68
N ARG A 5 5.96 -0.29 -4.49
CA ARG A 5 6.03 0.15 -5.87
C ARG A 5 5.67 -0.97 -6.79
N VAL A 7 2.35 -2.76 -6.91
CA VAL A 7 1.57 -3.81 -6.30
C VAL A 7 0.13 -3.64 -6.77
N SER A 8 -0.60 -4.72 -6.83
CA SER A 8 -1.97 -4.70 -7.31
C SER A 8 -2.86 -3.76 -6.46
N PRO A 9 -3.78 -3.00 -7.12
CA PRO A 9 -4.67 -1.99 -6.47
C PRO A 9 -5.32 -2.48 -5.18
N GLU A 10 -5.93 -3.65 -5.21
CA GLU A 10 -6.63 -4.17 -4.04
C GLU A 10 -5.66 -4.41 -2.89
N GLU A 11 -4.52 -5.01 -3.21
CA GLU A 11 -3.49 -5.28 -2.21
C GLU A 11 -2.93 -3.96 -1.67
N CYS A 12 -2.78 -2.99 -2.56
CA CYS A 12 -2.31 -1.65 -2.20
C CYS A 12 -3.22 -1.06 -1.12
N ARG A 13 -4.53 -1.17 -1.35
CA ARG A 13 -5.54 -0.71 -0.40
C ARG A 13 -5.40 -1.44 0.91
N LYS A 14 -5.24 -2.74 0.82
CA LYS A 14 -5.09 -3.61 1.98
C LYS A 14 -3.87 -3.23 2.81
N TYR A 15 -2.75 -2.99 2.15
CA TYR A 15 -1.53 -2.56 2.84
C TYR A 15 -1.72 -1.21 3.51
N LYS A 16 -2.41 -0.30 2.83
CA LYS A 16 -2.70 1.02 3.37
C LYS A 16 -3.57 0.92 4.61
N GLU A 17 -4.64 0.16 4.49
CA GLU A 17 -5.58 -0.03 5.57
C GLU A 17 -4.92 -0.79 6.74
N GLU A 18 -3.93 -1.60 6.41
CA GLU A 18 -3.24 -2.37 7.42
C GLU A 18 -2.18 -1.56 8.17
N TYR A 19 -1.21 -1.04 7.46
CA TYR A 19 -0.03 -0.46 8.10
C TYR A 19 -0.12 1.03 8.39
N CYS A 21 1.04 4.14 7.74
CA CYS A 21 2.08 4.86 7.04
C CYS A 21 2.78 3.96 6.05
N VAL A 22 2.29 3.98 4.85
CA VAL A 22 2.88 3.27 3.75
C VAL A 22 2.77 4.11 2.52
N ARG A 23 3.74 4.04 1.69
CA ARG A 23 3.73 4.80 0.48
C ARG A 23 3.59 3.87 -0.69
N CYS A 24 2.38 3.71 -1.11
CA CYS A 24 2.04 2.85 -2.21
C CYS A 24 1.75 3.74 -3.42
N THR A 25 1.64 3.15 -4.57
CA THR A 25 1.34 3.92 -5.73
C THR A 25 -0.11 3.67 -6.15
N GLU A 26 -0.96 4.55 -5.73
CA GLU A 26 -2.34 4.53 -6.06
C GLU A 26 -2.75 5.97 -6.27
#